data_4KCD
#
_entry.id   4KCD
#
_cell.length_a   75.029
_cell.length_b   83.885
_cell.length_c   99.139
_cell.angle_alpha   90.00
_cell.angle_beta   90.00
_cell.angle_gamma   90.00
#
_symmetry.space_group_name_H-M   'P 21 21 21'
#
loop_
_entity.id
_entity.type
_entity.pdbx_description
1 polymer 'Glutamate receptor ionotropic, NMDA 3A'
2 non-polymer GLYCEROL
3 water water
#
_entity_poly.entity_id   1
_entity_poly.type   'polypeptide(L)'
_entity_poly.pdbx_seq_one_letter_code
;GSNKLHLRVVTLIEHPFVFTREVDDEGLCPAGQLCLDPMTNDSSMLDRLFSSLHSSNDTVPIKFKKCCYGYCIDLLEQLA
EDMNFDFDLYIVGDGKYGAWKNGHWTGLVGDLLSGTANMAVTSFSINTARSQVIDFTSPFFSTSLGILVRTRGTELSGIH
DPKLHHPSQGFRFGTVRESSAEDYVRQSFPEMHEYMRRYNVPATPDGVQYLKNDPEKLDAFIMDKALLDYEVSIDADCKL
LTVGKPFAIEGYGIGLPPNSPLTSNISELISQYKSHGFMDVLHDKWYKVVPCGK
;
_entity_poly.pdbx_strand_id   A,B
#
# COMPACT_ATOMS: atom_id res chain seq x y z
N ASN A 3 5.70 16.39 34.83
CA ASN A 3 6.24 16.63 33.50
C ASN A 3 6.41 15.34 32.69
N LYS A 4 7.10 14.35 33.26
CA LYS A 4 7.30 13.10 32.55
C LYS A 4 6.25 12.05 32.90
N LEU A 5 5.58 11.61 31.86
CA LEU A 5 4.50 10.63 31.92
C LEU A 5 5.06 9.22 32.11
N HIS A 6 4.28 8.35 32.74
CA HIS A 6 4.61 6.94 32.86
C HIS A 6 3.47 6.15 32.22
N LEU A 7 3.80 5.21 31.33
CA LEU A 7 2.82 4.38 30.63
C LEU A 7 3.11 2.92 30.88
N ARG A 8 2.10 2.10 30.72
CA ARG A 8 2.32 0.66 30.69
C ARG A 8 2.03 0.18 29.28
N VAL A 9 3.00 -0.51 28.70
CA VAL A 9 2.94 -0.96 27.32
C VAL A 9 2.84 -2.47 27.29
N VAL A 10 1.94 -2.99 26.46
CA VAL A 10 1.83 -4.42 26.28
C VAL A 10 2.40 -4.79 24.93
N THR A 11 3.07 -5.94 24.88
CA THR A 11 3.65 -6.39 23.63
C THR A 11 3.37 -7.88 23.42
N LEU A 12 3.88 -8.41 22.32
CA LEU A 12 3.63 -9.76 21.89
C LEU A 12 4.87 -10.17 21.07
N ILE A 13 5.41 -11.35 21.37
CA ILE A 13 6.66 -11.79 20.80
C ILE A 13 6.43 -12.28 19.37
N GLU A 14 7.09 -11.62 18.44
CA GLU A 14 6.94 -11.91 17.03
C GLU A 14 8.15 -11.37 16.30
N HIS A 15 8.98 -12.28 15.78
CA HIS A 15 10.28 -11.89 15.23
C HIS A 15 10.16 -11.33 13.81
N PRO A 16 10.89 -10.23 13.50
CA PRO A 16 11.92 -9.56 14.28
C PRO A 16 11.41 -8.29 14.96
N PHE A 17 10.09 -8.17 15.19
CA PHE A 17 9.54 -6.97 15.81
C PHE A 17 9.74 -6.95 17.32
N VAL A 18 9.56 -8.10 17.95
CA VAL A 18 9.80 -8.24 19.38
C VAL A 18 10.33 -9.65 19.66
N PHE A 19 11.46 -9.68 20.36
CA PHE A 19 12.13 -10.92 20.79
C PHE A 19 12.27 -10.79 22.31
N THR A 20 12.52 -11.91 22.99
CA THR A 20 13.04 -11.86 24.34
C THR A 20 14.33 -12.64 24.46
N ARG A 21 15.17 -12.20 25.40
CA ARG A 21 16.30 -13.00 25.87
C ARG A 21 16.24 -12.97 27.40
N GLU A 22 17.05 -13.80 28.05
CA GLU A 22 17.04 -13.83 29.51
C GLU A 22 17.80 -12.62 30.07
N VAL A 23 17.48 -12.25 31.30
CA VAL A 23 18.21 -11.20 31.99
C VAL A 23 19.62 -11.69 32.32
N ASP A 24 20.50 -10.74 32.59
CA ASP A 24 21.88 -11.10 32.90
C ASP A 24 22.03 -11.45 34.37
N ASP A 25 23.27 -11.70 34.78
CA ASP A 25 23.60 -12.10 36.14
C ASP A 25 23.15 -11.09 37.18
N GLU A 26 23.11 -9.82 36.76
CA GLU A 26 22.67 -8.70 37.60
C GLU A 26 21.14 -8.54 37.61
N GLY A 27 20.45 -9.25 36.72
CA GLY A 27 19.02 -9.07 36.55
C GLY A 27 18.73 -7.90 35.64
N LEU A 28 19.74 -7.48 34.88
CA LEU A 28 19.63 -6.33 34.00
C LEU A 28 19.48 -6.74 32.54
N CYS A 29 19.20 -5.74 31.70
CA CYS A 29 19.01 -5.94 30.27
C CYS A 29 19.85 -5.06 29.38
N PRO A 30 21.14 -5.36 29.29
CA PRO A 30 21.93 -4.62 28.29
C PRO A 30 21.38 -4.86 26.88
N ALA A 31 21.22 -3.79 26.12
CA ALA A 31 20.79 -3.89 24.75
C ALA A 31 19.35 -4.40 24.71
N GLY A 32 18.59 -4.14 25.76
CA GLY A 32 17.20 -4.54 25.76
C GLY A 32 16.39 -3.76 26.76
N GLN A 33 15.12 -4.12 26.86
CA GLN A 33 14.22 -3.49 27.80
C GLN A 33 13.67 -4.55 28.74
N LEU A 34 13.82 -4.32 30.04
CA LEU A 34 13.22 -5.19 31.03
C LEU A 34 11.71 -5.26 30.80
N CYS A 35 11.20 -6.48 30.79
CA CYS A 35 9.77 -6.69 30.64
C CYS A 35 9.37 -7.88 31.48
N LEU A 36 8.10 -7.92 31.86
CA LEU A 36 7.55 -9.06 32.60
C LEU A 36 6.71 -9.95 31.71
N ASP A 37 6.74 -11.25 32.01
CA ASP A 37 6.00 -12.26 31.28
C ASP A 37 5.20 -13.09 32.29
N PRO A 38 4.17 -12.47 32.91
CA PRO A 38 3.45 -13.08 34.03
C PRO A 38 2.22 -13.89 33.67
N MET A 39 1.90 -13.96 32.38
CA MET A 39 0.75 -14.75 31.93
C MET A 39 -0.55 -14.40 32.65
N THR A 40 -0.86 -13.11 32.63
CA THR A 40 -2.08 -12.61 33.25
C THR A 40 -2.71 -11.47 32.46
N ASN A 41 -4.04 -11.40 32.50
CA ASN A 41 -4.77 -10.25 31.98
C ASN A 41 -5.42 -9.40 33.06
N ASP A 42 -4.99 -9.60 34.30
CA ASP A 42 -5.54 -8.97 35.50
C ASP A 42 -4.72 -7.72 35.80
N SER A 43 -5.32 -6.55 35.63
CA SER A 43 -4.61 -5.29 35.83
C SER A 43 -4.11 -5.14 37.27
N SER A 44 -4.86 -5.66 38.24
CA SER A 44 -4.47 -5.61 39.64
CA SER A 44 -4.45 -5.61 39.64
C SER A 44 -3.21 -6.45 39.89
N MET A 45 -3.09 -7.57 39.21
CA MET A 45 -1.90 -8.40 39.32
C MET A 45 -0.71 -7.68 38.69
N LEU A 46 -0.89 -7.12 37.50
CA LEU A 46 0.19 -6.38 36.87
C LEU A 46 0.62 -5.21 37.77
N ASP A 47 -0.35 -4.49 38.34
CA ASP A 47 -0.03 -3.38 39.23
C ASP A 47 0.88 -3.83 40.36
N ARG A 48 0.50 -4.91 41.03
CA ARG A 48 1.28 -5.30 42.20
C ARG A 48 2.65 -5.83 41.81
N LEU A 49 2.75 -6.50 40.66
CA LEU A 49 4.04 -6.97 40.18
C LEU A 49 4.96 -5.80 39.87
N PHE A 50 4.49 -4.82 39.11
CA PHE A 50 5.34 -3.68 38.78
C PHE A 50 5.65 -2.83 40.01
N SER A 51 4.71 -2.72 40.94
CA SER A 51 5.02 -2.00 42.17
C SER A 51 6.14 -2.67 42.94
N SER A 52 6.09 -4.00 43.03
N SER A 52 6.10 -3.99 43.02
CA SER A 52 7.17 -4.76 43.66
CA SER A 52 7.17 -4.74 43.68
C SER A 52 8.47 -4.54 42.92
C SER A 52 8.49 -4.58 42.92
N LEU A 53 8.42 -4.67 41.60
CA LEU A 53 9.62 -4.55 40.75
C LEU A 53 10.39 -3.26 41.00
N HIS A 54 9.67 -2.15 41.11
CA HIS A 54 10.28 -0.83 41.35
C HIS A 54 10.63 -0.54 42.82
N SER A 55 10.30 -1.44 43.72
CA SER A 55 10.46 -1.17 45.14
C SER A 55 11.81 -1.67 45.67
N SER A 56 12.07 -1.39 46.94
CA SER A 56 13.26 -1.89 47.62
C SER A 56 13.08 -3.35 48.08
N ASN A 57 11.91 -3.93 47.80
CA ASN A 57 11.66 -5.33 48.11
C ASN A 57 11.08 -6.04 46.91
N ASP A 58 11.92 -6.23 45.90
CA ASP A 58 11.53 -6.85 44.64
C ASP A 58 11.34 -8.36 44.81
N THR A 59 10.08 -8.78 44.92
CA THR A 59 9.78 -10.19 45.09
C THR A 59 9.20 -10.83 43.83
N VAL A 60 9.30 -10.12 42.71
CA VAL A 60 8.75 -10.61 41.45
C VAL A 60 9.43 -11.92 41.11
N PRO A 61 8.65 -12.96 40.80
CA PRO A 61 9.28 -14.24 40.44
C PRO A 61 10.28 -14.05 39.31
N ILE A 62 11.48 -14.59 39.51
CA ILE A 62 12.54 -14.37 38.55
C ILE A 62 12.17 -14.94 37.19
N LYS A 63 11.32 -15.97 37.17
CA LYS A 63 10.89 -16.55 35.89
C LYS A 63 10.04 -15.58 35.03
N PHE A 64 9.50 -14.54 35.65
CA PHE A 64 8.69 -13.56 34.91
C PHE A 64 9.57 -12.53 34.20
N LYS A 65 10.83 -12.39 34.62
CA LYS A 65 11.67 -11.30 34.11
C LYS A 65 12.38 -11.69 32.80
N LYS A 66 12.25 -10.84 31.79
CA LYS A 66 12.83 -11.09 30.46
C LYS A 66 13.39 -9.78 29.94
N CYS A 67 14.20 -9.86 28.88
CA CYS A 67 14.65 -8.65 28.21
C CYS A 67 14.09 -8.66 26.81
N CYS A 68 13.34 -7.62 26.48
CA CYS A 68 12.69 -7.52 25.19
C CYS A 68 13.57 -6.66 24.26
N TYR A 69 13.60 -7.01 22.99
CA TYR A 69 14.37 -6.25 22.02
C TYR A 69 13.78 -6.48 20.63
N GLY A 70 14.19 -5.67 19.65
CA GLY A 70 13.66 -5.85 18.30
C GLY A 70 13.23 -4.55 17.64
N TYR A 71 12.74 -4.65 16.41
CA TYR A 71 12.32 -3.48 15.64
C TYR A 71 11.34 -2.61 16.42
N CYS A 72 10.34 -3.22 17.02
CA CYS A 72 9.29 -2.45 17.71
C CYS A 72 9.79 -1.89 19.02
N ILE A 73 10.76 -2.54 19.64
CA ILE A 73 11.32 -2.04 20.87
C ILE A 73 12.17 -0.80 20.56
N ASP A 74 12.92 -0.85 19.47
CA ASP A 74 13.62 0.33 19.00
C ASP A 74 12.64 1.48 18.73
N LEU A 75 11.53 1.18 18.07
CA LEU A 75 10.52 2.20 17.78
C LEU A 75 9.95 2.78 19.08
N LEU A 76 9.61 1.90 20.01
CA LEU A 76 9.07 2.32 21.31
C LEU A 76 10.06 3.23 22.03
N GLU A 77 11.35 2.89 22.01
CA GLU A 77 12.33 3.74 22.68
C GLU A 77 12.35 5.14 22.08
N GLN A 78 12.24 5.21 20.75
CA GLN A 78 12.24 6.52 20.10
C GLN A 78 10.99 7.35 20.44
N LEU A 79 9.80 6.72 20.43
CA LEU A 79 8.56 7.40 20.81
C LEU A 79 8.65 7.88 22.26
N ALA A 80 9.18 7.03 23.12
CA ALA A 80 9.36 7.42 24.54
C ALA A 80 10.24 8.66 24.69
N GLU A 81 11.33 8.73 23.93
CA GLU A 81 12.18 9.93 23.92
C GLU A 81 11.38 11.12 23.43
N ASP A 82 10.67 10.94 22.29
CA ASP A 82 10.02 12.09 21.64
C ASP A 82 8.73 12.56 22.31
N MET A 83 8.06 11.65 23.00
CA MET A 83 6.84 11.99 23.72
C MET A 83 7.07 12.15 25.22
N ASN A 84 8.32 12.01 25.64
CA ASN A 84 8.69 12.23 27.03
C ASN A 84 7.89 11.38 27.99
N PHE A 85 7.99 10.06 27.82
CA PHE A 85 7.44 9.14 28.82
C PHE A 85 8.43 8.03 29.10
N ASP A 86 8.33 7.42 30.29
CA ASP A 86 8.95 6.14 30.48
C ASP A 86 7.87 5.11 30.69
N PHE A 87 8.25 3.85 30.77
CA PHE A 87 7.24 2.81 30.67
C PHE A 87 7.62 1.54 31.38
N ASP A 88 6.57 0.82 31.79
CA ASP A 88 6.67 -0.58 32.15
C ASP A 88 6.22 -1.37 30.92
N LEU A 89 6.84 -2.52 30.71
CA LEU A 89 6.59 -3.36 29.54
C LEU A 89 6.24 -4.78 29.99
N TYR A 90 5.15 -5.33 29.46
CA TYR A 90 4.81 -6.72 29.74
C TYR A 90 4.32 -7.43 28.49
N ILE A 91 4.41 -8.76 28.52
CA ILE A 91 4.03 -9.59 27.38
C ILE A 91 2.60 -10.07 27.62
N VAL A 92 1.76 -9.89 26.61
CA VAL A 92 0.34 -10.24 26.70
C VAL A 92 0.22 -11.71 27.11
N GLY A 93 -0.66 -11.97 28.08
CA GLY A 93 -0.69 -13.25 28.75
C GLY A 93 -1.08 -14.42 27.87
N ASP A 94 -2.01 -14.17 26.95
CA ASP A 94 -2.54 -15.27 26.11
C ASP A 94 -1.84 -15.38 24.75
N GLY A 95 -0.87 -14.49 24.52
CA GLY A 95 -0.07 -14.52 23.29
C GLY A 95 -0.84 -14.15 22.03
N LYS A 96 -2.00 -13.53 22.19
CA LYS A 96 -2.90 -13.23 21.06
C LYS A 96 -2.97 -11.76 20.76
N TYR A 97 -3.13 -11.43 19.48
CA TYR A 97 -3.33 -10.04 19.10
C TYR A 97 -4.73 -9.56 19.48
N GLY A 98 -5.72 -10.43 19.35
CA GLY A 98 -7.05 -10.15 19.86
C GLY A 98 -8.17 -10.41 18.87
N ALA A 99 -9.18 -11.10 19.37
CA ALA A 99 -10.38 -11.42 18.63
C ALA A 99 -11.56 -11.49 19.59
N TRP A 100 -12.75 -11.41 19.02
CA TRP A 100 -13.97 -11.52 19.79
C TRP A 100 -14.29 -12.99 20.02
N LYS A 101 -14.25 -13.40 21.29
CA LYS A 101 -14.49 -14.79 21.67
C LYS A 101 -15.27 -14.85 22.96
N ASN A 102 -16.40 -15.54 22.95
CA ASN A 102 -17.14 -15.80 24.18
C ASN A 102 -17.51 -14.52 24.93
N GLY A 103 -18.04 -13.54 24.19
CA GLY A 103 -18.53 -12.31 24.79
C GLY A 103 -17.48 -11.30 25.22
N HIS A 104 -16.23 -11.49 24.80
CA HIS A 104 -15.18 -10.53 25.13
C HIS A 104 -14.05 -10.51 24.09
N TRP A 105 -13.21 -9.50 24.19
CA TRP A 105 -12.00 -9.44 23.37
C TRP A 105 -10.82 -10.07 24.08
N THR A 106 -10.12 -10.95 23.37
CA THR A 106 -8.88 -11.55 23.85
C THR A 106 -7.66 -10.63 23.56
N GLY A 107 -6.49 -11.08 24.02
CA GLY A 107 -5.23 -10.54 23.57
C GLY A 107 -5.00 -9.06 23.86
N LEU A 108 -4.27 -8.44 22.94
CA LEU A 108 -3.87 -7.05 23.10
C LEU A 108 -5.12 -6.18 23.12
N VAL A 109 -6.10 -6.50 22.28
CA VAL A 109 -7.34 -5.73 22.23
C VAL A 109 -8.00 -5.71 23.62
N GLY A 110 -8.08 -6.89 24.23
CA GLY A 110 -8.70 -7.03 25.52
C GLY A 110 -8.01 -6.18 26.57
N ASP A 111 -6.67 -6.18 26.54
CA ASP A 111 -5.92 -5.43 27.55
C ASP A 111 -6.05 -3.93 27.34
N LEU A 112 -6.22 -3.49 26.09
CA LEU A 112 -6.46 -2.07 25.85
C LEU A 112 -7.86 -1.66 26.35
N LEU A 113 -8.85 -2.49 26.05
CA LEU A 113 -10.23 -2.18 26.41
C LEU A 113 -10.46 -2.20 27.92
N SER A 114 -9.71 -3.03 28.64
CA SER A 114 -9.90 -3.15 30.08
C SER A 114 -9.08 -2.17 30.89
N GLY A 115 -8.28 -1.34 30.21
CA GLY A 115 -7.45 -0.36 30.89
C GLY A 115 -6.17 -0.92 31.46
N THR A 116 -5.85 -2.15 31.07
CA THR A 116 -4.72 -2.88 31.64
C THR A 116 -3.38 -2.40 31.03
N ALA A 117 -3.45 -1.89 29.81
CA ALA A 117 -2.29 -1.31 29.12
C ALA A 117 -2.70 -0.01 28.48
N ASN A 118 -1.77 0.93 28.39
CA ASN A 118 -2.00 2.22 27.73
C ASN A 118 -1.80 2.17 26.22
N MET A 119 -0.98 1.21 25.76
CA MET A 119 -0.55 1.13 24.38
C MET A 119 -0.03 -0.27 24.12
N ALA A 120 -0.25 -0.76 22.90
CA ALA A 120 0.24 -2.08 22.49
C ALA A 120 1.22 -1.88 21.33
N VAL A 121 2.44 -2.40 21.48
CA VAL A 121 3.50 -2.15 20.50
C VAL A 121 4.10 -3.48 20.06
N THR A 122 3.78 -3.88 18.83
CA THR A 122 4.27 -5.13 18.25
C THR A 122 3.82 -5.12 16.80
N SER A 123 3.98 -6.24 16.10
CA SER A 123 3.54 -6.36 14.72
C SER A 123 2.02 -6.57 14.65
N PHE A 124 1.28 -5.53 15.01
CA PHE A 124 -0.18 -5.58 15.26
C PHE A 124 -0.95 -5.20 13.99
N SER A 125 -1.51 -6.21 13.35
CA SER A 125 -2.20 -6.03 12.07
CA SER A 125 -2.20 -6.02 12.07
C SER A 125 -3.50 -5.26 12.25
N ILE A 126 -3.63 -4.13 11.55
CA ILE A 126 -4.82 -3.33 11.55
C ILE A 126 -5.93 -4.06 10.77
N ASN A 127 -7.12 -4.15 11.34
CA ASN A 127 -8.25 -4.66 10.57
C ASN A 127 -9.53 -3.98 11.06
N THR A 128 -10.58 -4.15 10.28
CA THR A 128 -11.85 -3.48 10.51
C THR A 128 -12.46 -3.83 11.86
N ALA A 129 -12.47 -5.13 12.19
CA ALA A 129 -13.09 -5.59 13.44
C ALA A 129 -12.43 -4.94 14.65
N ARG A 130 -11.10 -4.96 14.66
CA ARG A 130 -10.36 -4.41 15.79
C ARG A 130 -10.51 -2.89 15.83
N SER A 131 -10.49 -2.27 14.66
CA SER A 131 -10.57 -0.81 14.54
CA SER A 131 -10.52 -0.81 14.64
C SER A 131 -11.88 -0.27 15.08
N GLN A 132 -12.92 -1.10 15.07
CA GLN A 132 -14.20 -0.65 15.57
C GLN A 132 -14.18 -0.43 17.09
N VAL A 133 -13.24 -1.07 17.80
CA VAL A 133 -13.20 -1.01 19.25
C VAL A 133 -11.97 -0.37 19.88
N ILE A 134 -10.85 -0.35 19.14
CA ILE A 134 -9.65 0.31 19.62
C ILE A 134 -9.10 1.28 18.57
N ASP A 135 -8.25 2.19 19.03
CA ASP A 135 -7.51 3.07 18.15
C ASP A 135 -6.31 2.36 17.56
N PHE A 136 -6.05 2.59 16.27
CA PHE A 136 -4.76 2.26 15.70
C PHE A 136 -4.16 3.54 15.18
N THR A 137 -2.85 3.66 15.32
CA THR A 137 -2.13 4.75 14.66
C THR A 137 -2.08 4.45 13.16
N SER A 138 -1.59 5.42 12.40
CA SER A 138 -1.17 5.14 11.02
CA SER A 138 -1.18 5.14 11.03
C SER A 138 -0.19 3.98 11.07
N PRO A 139 -0.13 3.18 9.99
CA PRO A 139 0.78 2.04 10.03
C PRO A 139 2.25 2.44 10.02
N PHE A 140 3.04 1.82 10.88
CA PHE A 140 4.48 2.04 10.84
C PHE A 140 5.19 1.06 9.92
N PHE A 141 4.47 0.05 9.43
CA PHE A 141 5.04 -0.98 8.57
C PHE A 141 3.93 -1.47 7.67
N SER A 142 4.23 -1.68 6.40
CA SER A 142 3.27 -2.18 5.45
C SER A 142 3.82 -3.47 4.85
N THR A 143 2.96 -4.49 4.80
CA THR A 143 3.39 -5.81 4.36
C THR A 143 2.21 -6.50 3.65
N SER A 144 2.22 -7.81 3.67
CA SER A 144 1.16 -8.62 3.11
C SER A 144 1.29 -10.00 3.68
N LEU A 145 0.35 -10.87 3.30
CA LEU A 145 0.51 -12.26 3.63
C LEU A 145 1.52 -12.88 2.65
N GLY A 146 2.10 -14.00 3.09
CA GLY A 146 3.02 -14.73 2.24
C GLY A 146 2.97 -16.21 2.59
N ILE A 147 3.77 -16.99 1.87
CA ILE A 147 3.73 -18.44 2.00
C ILE A 147 5.16 -18.96 2.06
N LEU A 148 5.50 -19.58 3.17
CA LEU A 148 6.83 -20.13 3.41
C LEU A 148 6.85 -21.62 3.06
N VAL A 149 7.86 -22.01 2.27
CA VAL A 149 8.03 -23.40 1.84
C VAL A 149 9.50 -23.80 1.93
N ARG A 150 9.76 -25.08 1.69
CA ARG A 150 11.10 -25.59 1.63
C ARG A 150 11.62 -25.55 0.21
N THR A 151 12.90 -25.29 0.08
CA THR A 151 13.56 -25.43 -1.20
CA THR A 151 13.56 -25.43 -1.20
C THR A 151 13.36 -26.85 -1.75
N ARG A 152 13.09 -26.93 -3.05
CA ARG A 152 12.78 -28.20 -3.74
C ARG A 152 11.58 -28.95 -3.17
N GLY A 153 10.71 -28.21 -2.50
CA GLY A 153 9.45 -28.73 -2.01
C GLY A 153 8.27 -28.22 -2.82
N THR A 154 7.32 -27.64 -2.11
CA THR A 154 6.10 -27.11 -2.68
C THR A 154 6.34 -25.81 -3.43
N GLU A 155 5.87 -25.74 -4.68
CA GLU A 155 5.86 -24.48 -5.44
C GLU A 155 4.42 -23.98 -5.60
N LEU A 156 4.20 -22.69 -5.40
CA LEU A 156 2.88 -22.11 -5.48
C LEU A 156 2.91 -20.78 -6.19
N SER A 157 1.86 -20.46 -6.94
CA SER A 157 1.78 -19.18 -7.62
C SER A 157 1.33 -18.08 -6.68
N GLY A 158 0.82 -18.47 -5.52
CA GLY A 158 0.21 -17.52 -4.62
C GLY A 158 -1.04 -18.15 -4.04
N ILE A 159 -1.89 -17.31 -3.46
CA ILE A 159 -3.05 -17.81 -2.73
C ILE A 159 -4.09 -18.45 -3.65
N HIS A 160 -4.01 -18.21 -4.96
CA HIS A 160 -4.99 -18.77 -5.90
C HIS A 160 -4.52 -20.04 -6.63
N ASP A 161 -3.39 -20.58 -6.20
CA ASP A 161 -2.91 -21.85 -6.72
C ASP A 161 -3.94 -22.97 -6.41
N PRO A 162 -4.28 -23.77 -7.42
CA PRO A 162 -5.20 -24.91 -7.23
C PRO A 162 -4.74 -25.88 -6.15
N LYS A 163 -3.43 -25.96 -5.91
CA LYS A 163 -2.91 -26.82 -4.86
C LYS A 163 -3.47 -26.42 -3.50
N LEU A 164 -3.90 -25.18 -3.34
CA LEU A 164 -4.43 -24.71 -2.06
C LEU A 164 -5.96 -24.82 -1.97
N HIS A 165 -6.64 -24.75 -3.12
CA HIS A 165 -8.09 -24.71 -3.14
C HIS A 165 -8.79 -26.04 -3.25
N HIS A 166 -8.04 -26.97 -3.82
N HIS A 166 -8.12 -27.01 -3.85
CA HIS A 166 -8.46 -28.34 -3.99
CA HIS A 166 -8.59 -28.38 -3.80
C HIS A 166 -7.20 -29.12 -3.72
C HIS A 166 -7.34 -29.19 -3.66
N PRO A 167 -6.78 -29.20 -2.44
CA PRO A 167 -5.47 -29.79 -2.16
C PRO A 167 -5.42 -31.25 -2.43
N SER A 168 -4.27 -31.71 -2.89
CA SER A 168 -3.99 -33.12 -3.03
C SER A 168 -4.05 -33.75 -1.65
N GLN A 169 -4.53 -34.97 -1.58
CA GLN A 169 -4.67 -35.60 -0.29
C GLN A 169 -3.32 -35.62 0.39
N GLY A 170 -3.31 -35.14 1.62
CA GLY A 170 -2.11 -35.14 2.44
C GLY A 170 -1.22 -33.92 2.32
N PHE A 171 -1.56 -32.95 1.47
CA PHE A 171 -0.82 -31.70 1.40
C PHE A 171 -1.01 -30.92 2.71
N ARG A 172 0.10 -30.63 3.38
N ARG A 172 0.10 -30.67 3.39
CA ARG A 172 0.04 -30.08 4.74
CA ARG A 172 0.06 -30.07 4.71
C ARG A 172 0.35 -28.60 4.73
C ARG A 172 0.33 -28.59 4.61
N PHE A 173 -0.69 -27.78 4.83
CA PHE A 173 -0.48 -26.36 4.93
C PHE A 173 -1.34 -25.74 5.99
N GLY A 174 -0.74 -24.78 6.69
CA GLY A 174 -1.38 -24.22 7.86
C GLY A 174 -0.85 -22.85 8.20
N THR A 175 -1.38 -22.32 9.30
CA THR A 175 -1.02 -21.01 9.83
C THR A 175 -1.02 -21.13 11.35
N VAL A 176 -0.57 -20.07 12.02
CA VAL A 176 -0.75 -19.97 13.46
C VAL A 176 -2.22 -19.73 13.80
N ARG A 177 -2.76 -20.49 14.73
CA ARG A 177 -4.14 -20.30 15.14
C ARG A 177 -4.38 -18.85 15.55
N GLU A 178 -5.46 -18.30 15.01
CA GLU A 178 -5.93 -16.95 15.28
CA GLU A 178 -5.93 -16.95 15.28
C GLU A 178 -5.08 -15.86 14.64
N SER A 179 -4.22 -16.25 13.69
CA SER A 179 -3.38 -15.28 12.98
C SER A 179 -4.17 -14.44 11.99
N SER A 180 -3.48 -13.41 11.49
CA SER A 180 -4.03 -12.56 10.44
CA SER A 180 -4.04 -12.57 10.43
C SER A 180 -4.34 -13.39 9.21
N ALA A 181 -3.52 -14.41 8.96
CA ALA A 181 -3.76 -15.30 7.83
C ALA A 181 -5.02 -16.11 8.06
N GLU A 182 -5.21 -16.65 9.27
CA GLU A 182 -6.43 -17.38 9.58
C GLU A 182 -7.67 -16.49 9.35
N ASP A 183 -7.61 -15.26 9.85
CA ASP A 183 -8.72 -14.33 9.71
C ASP A 183 -9.02 -14.06 8.23
N TYR A 184 -7.98 -13.90 7.40
CA TYR A 184 -8.16 -13.63 5.98
C TYR A 184 -8.78 -14.84 5.28
N VAL A 185 -8.25 -16.02 5.56
CA VAL A 185 -8.71 -17.23 4.87
C VAL A 185 -10.16 -17.53 5.29
N ARG A 186 -10.47 -17.35 6.58
CA ARG A 186 -11.82 -17.59 7.05
C ARG A 186 -12.84 -16.77 6.26
N GLN A 187 -12.51 -15.52 6.00
N GLN A 187 -12.49 -15.51 6.03
CA GLN A 187 -13.43 -14.62 5.31
CA GLN A 187 -13.37 -14.56 5.34
C GLN A 187 -13.44 -14.84 3.81
C GLN A 187 -13.43 -14.81 3.82
N SER A 188 -12.26 -15.01 3.22
CA SER A 188 -12.12 -15.09 1.76
C SER A 188 -12.28 -16.48 1.15
N PHE A 189 -11.80 -17.50 1.84
CA PHE A 189 -11.81 -18.87 1.32
C PHE A 189 -12.25 -19.89 2.37
N PRO A 190 -13.55 -19.96 2.68
CA PRO A 190 -14.01 -20.81 3.76
C PRO A 190 -13.62 -22.28 3.61
N GLU A 191 -13.61 -22.83 2.39
CA GLU A 191 -13.19 -24.23 2.19
C GLU A 191 -11.75 -24.41 2.62
N MET A 192 -10.90 -23.46 2.24
CA MET A 192 -9.49 -23.52 2.57
C MET A 192 -9.31 -23.39 4.10
N HIS A 193 -10.11 -22.52 4.72
CA HIS A 193 -10.03 -22.36 6.18
C HIS A 193 -10.26 -23.70 6.88
N GLU A 194 -11.28 -24.43 6.46
CA GLU A 194 -11.58 -25.72 7.08
CA GLU A 194 -11.57 -25.71 7.08
C GLU A 194 -10.46 -26.73 6.83
N TYR A 195 -9.92 -26.73 5.61
CA TYR A 195 -8.85 -27.67 5.26
C TYR A 195 -7.63 -27.50 6.16
N MET A 196 -7.30 -26.24 6.45
CA MET A 196 -6.11 -25.90 7.21
C MET A 196 -6.18 -26.28 8.67
N ARG A 197 -7.38 -26.49 9.21
CA ARG A 197 -7.53 -26.75 10.64
C ARG A 197 -6.62 -27.89 11.10
N ARG A 198 -6.50 -28.93 10.28
CA ARG A 198 -5.67 -30.09 10.61
C ARG A 198 -4.21 -29.76 10.81
N TYR A 199 -3.74 -28.69 10.13
CA TYR A 199 -2.33 -28.36 10.03
C TYR A 199 -1.90 -27.10 10.78
N ASN A 200 -2.86 -26.35 11.32
CA ASN A 200 -2.50 -25.11 11.99
C ASN A 200 -1.70 -25.38 13.27
N VAL A 201 -0.94 -24.39 13.72
CA VAL A 201 -0.01 -24.58 14.82
C VAL A 201 -0.23 -23.53 15.89
N PRO A 202 0.29 -23.80 17.09
CA PRO A 202 0.09 -22.86 18.21
C PRO A 202 0.82 -21.52 18.10
N ALA A 203 2.01 -21.55 17.52
CA ALA A 203 2.85 -20.36 17.49
C ALA A 203 3.80 -20.36 16.32
N THR A 204 4.25 -19.17 15.94
CA THR A 204 5.08 -19.04 14.76
C THR A 204 6.31 -19.95 14.72
N PRO A 205 7.02 -20.08 15.85
CA PRO A 205 8.19 -20.95 15.76
C PRO A 205 7.87 -22.40 15.42
N ASP A 206 6.66 -22.85 15.73
CA ASP A 206 6.27 -24.22 15.42
C ASP A 206 6.20 -24.42 13.91
N GLY A 207 5.60 -23.47 13.21
CA GLY A 207 5.48 -23.60 11.76
C GLY A 207 6.85 -23.63 11.09
N VAL A 208 7.70 -22.69 11.51
CA VAL A 208 9.06 -22.63 11.00
C VAL A 208 9.81 -23.93 11.27
N GLN A 209 9.76 -24.42 12.52
CA GLN A 209 10.48 -25.65 12.88
C GLN A 209 9.98 -26.85 12.06
N TYR A 210 8.67 -26.93 11.84
CA TYR A 210 8.13 -28.08 11.13
C TYR A 210 8.63 -28.04 9.68
N LEU A 211 8.71 -26.85 9.09
CA LEU A 211 9.28 -26.75 7.74
C LEU A 211 10.76 -27.12 7.66
N LYS A 212 11.50 -26.85 8.74
CA LYS A 212 12.93 -27.11 8.80
CA LYS A 212 12.93 -27.11 8.81
C LYS A 212 13.27 -28.56 9.14
N ASN A 213 12.26 -29.35 9.50
CA ASN A 213 12.50 -30.74 9.82
C ASN A 213 13.00 -31.45 8.57
N ASP A 214 13.88 -32.43 8.75
CA ASP A 214 14.28 -33.32 7.67
C ASP A 214 13.75 -34.72 7.91
N PRO A 215 12.73 -35.15 7.12
CA PRO A 215 11.98 -34.38 6.12
C PRO A 215 10.91 -33.49 6.75
N GLU A 216 10.38 -32.53 5.98
CA GLU A 216 9.49 -31.51 6.50
CA GLU A 216 9.53 -31.53 6.57
C GLU A 216 8.22 -32.09 7.12
N LYS A 217 7.76 -31.46 8.20
CA LYS A 217 6.50 -31.85 8.88
C LYS A 217 5.33 -31.01 8.41
N LEU A 218 5.59 -30.01 7.57
CA LEU A 218 4.57 -29.12 7.05
C LEU A 218 5.11 -28.79 5.66
N ASP A 219 4.23 -28.63 4.69
CA ASP A 219 4.63 -28.31 3.32
C ASP A 219 4.56 -26.82 2.99
N ALA A 220 3.67 -26.10 3.65
CA ALA A 220 3.58 -24.64 3.44
C ALA A 220 3.00 -23.98 4.65
N PHE A 221 3.43 -22.74 4.92
CA PHE A 221 3.04 -22.03 6.15
C PHE A 221 2.71 -20.63 5.73
N ILE A 222 1.48 -20.20 6.02
CA ILE A 222 0.97 -18.91 5.58
C ILE A 222 0.94 -17.96 6.78
N MET A 223 1.69 -16.87 6.69
CA MET A 223 1.79 -15.86 7.75
C MET A 223 2.16 -14.55 7.08
N ASP A 224 2.21 -13.47 7.86
CA ASP A 224 2.68 -12.20 7.30
C ASP A 224 4.05 -12.36 6.66
N LYS A 225 4.21 -11.79 5.46
CA LYS A 225 5.47 -11.84 4.76
C LYS A 225 6.62 -11.18 5.49
N ALA A 226 6.34 -10.13 6.27
CA ALA A 226 7.39 -9.47 7.05
C ALA A 226 8.05 -10.48 7.98
N LEU A 227 7.26 -11.41 8.50
CA LEU A 227 7.78 -12.37 9.48
C LEU A 227 8.50 -13.47 8.73
N LEU A 228 7.85 -13.98 7.68
CA LEU A 228 8.44 -15.06 6.89
C LEU A 228 9.75 -14.65 6.23
N ASP A 229 9.84 -13.41 5.73
CA ASP A 229 11.07 -12.97 5.07
C ASP A 229 12.21 -12.92 6.09
N TYR A 230 11.87 -12.57 7.34
CA TYR A 230 12.88 -12.60 8.40
C TYR A 230 13.40 -14.01 8.61
N GLU A 231 12.48 -14.98 8.65
CA GLU A 231 12.89 -16.36 8.86
C GLU A 231 13.77 -16.82 7.71
N VAL A 232 13.46 -16.39 6.48
CA VAL A 232 14.25 -16.81 5.33
C VAL A 232 15.64 -16.19 5.46
N SER A 233 15.68 -14.97 5.96
CA SER A 233 16.93 -14.20 5.98
C SER A 233 17.93 -14.79 6.97
N ILE A 234 17.45 -15.47 8.01
CA ILE A 234 18.35 -16.03 9.02
C ILE A 234 18.58 -17.53 8.90
N ASP A 235 17.89 -18.21 7.99
CA ASP A 235 18.04 -19.66 7.94
C ASP A 235 19.45 -20.02 7.45
N ALA A 236 20.26 -20.67 8.29
CA ALA A 236 21.67 -20.89 7.99
C ALA A 236 21.89 -21.76 6.73
N ASP A 237 20.94 -22.64 6.43
CA ASP A 237 21.10 -23.58 5.32
C ASP A 237 20.45 -23.12 4.02
N CYS A 238 19.85 -21.94 4.04
CA CYS A 238 19.10 -21.43 2.92
C CYS A 238 18.09 -22.49 2.43
N LYS A 239 17.44 -23.20 3.36
CA LYS A 239 16.46 -24.20 2.95
C LYS A 239 15.02 -23.69 2.94
N LEU A 240 14.81 -22.46 3.40
CA LEU A 240 13.47 -21.86 3.36
C LEU A 240 13.38 -20.77 2.30
N LEU A 241 12.18 -20.59 1.76
CA LEU A 241 11.91 -19.49 0.84
C LEU A 241 10.45 -19.14 0.91
N THR A 242 10.12 -17.90 0.50
CA THR A 242 8.73 -17.55 0.28
C THR A 242 8.39 -17.65 -1.21
N VAL A 243 7.15 -18.02 -1.50
CA VAL A 243 6.71 -18.22 -2.87
C VAL A 243 5.41 -17.50 -3.14
N GLY A 244 5.23 -17.19 -4.41
CA GLY A 244 3.97 -16.62 -4.83
C GLY A 244 3.95 -15.10 -4.77
N LYS A 245 2.92 -14.53 -5.37
CA LYS A 245 2.78 -13.10 -5.42
C LYS A 245 2.12 -12.58 -4.13
N PRO A 246 2.41 -11.33 -3.76
CA PRO A 246 1.77 -10.78 -2.56
C PRO A 246 0.26 -10.76 -2.64
N PHE A 247 -0.37 -11.07 -1.53
CA PHE A 247 -1.84 -11.00 -1.40
C PHE A 247 -2.15 -10.57 0.02
N ALA A 248 -3.34 -10.00 0.21
CA ALA A 248 -3.81 -9.59 1.54
C ALA A 248 -2.85 -8.57 2.13
N ILE A 249 -2.88 -7.39 1.55
CA ILE A 249 -2.08 -6.26 2.01
C ILE A 249 -2.42 -5.93 3.48
N GLU A 250 -1.39 -5.76 4.29
CA GLU A 250 -1.54 -5.57 5.73
C GLU A 250 -0.68 -4.44 6.20
N GLY A 251 -1.08 -3.82 7.31
CA GLY A 251 -0.27 -2.79 7.92
C GLY A 251 -0.20 -3.04 9.41
N TYR A 252 0.94 -2.73 10.00
CA TYR A 252 1.10 -2.78 11.44
C TYR A 252 0.96 -1.38 12.04
N GLY A 253 0.09 -1.26 13.05
CA GLY A 253 -0.05 -0.02 13.78
C GLY A 253 0.15 -0.21 15.26
N ILE A 254 0.37 0.89 15.96
CA ILE A 254 0.35 0.85 17.43
C ILE A 254 -1.10 0.93 17.87
N GLY A 255 -1.48 0.10 18.85
CA GLY A 255 -2.85 0.07 19.32
C GLY A 255 -3.00 0.82 20.63
N LEU A 256 -4.09 1.56 20.75
CA LEU A 256 -4.41 2.31 21.94
C LEU A 256 -5.89 2.13 22.29
N PRO A 257 -6.26 2.44 23.54
CA PRO A 257 -7.69 2.42 23.88
C PRO A 257 -8.44 3.37 22.97
N PRO A 258 -9.74 3.11 22.76
CA PRO A 258 -10.50 3.99 21.86
C PRO A 258 -10.45 5.47 22.28
N ASN A 259 -10.31 6.36 21.31
CA ASN A 259 -10.29 7.80 21.55
C ASN A 259 -9.19 8.22 22.53
N SER A 260 -8.04 7.56 22.43
CA SER A 260 -6.91 7.92 23.23
C SER A 260 -6.35 9.26 22.76
N PRO A 261 -5.93 10.10 23.71
CA PRO A 261 -5.29 11.37 23.35
C PRO A 261 -3.86 11.17 22.82
N LEU A 262 -3.31 9.96 22.95
CA LEU A 262 -1.96 9.72 22.44
C LEU A 262 -1.92 9.37 20.96
N THR A 263 -3.04 8.90 20.42
CA THR A 263 -3.03 8.29 19.09
C THR A 263 -2.52 9.24 18.02
N SER A 264 -3.07 10.45 17.98
CA SER A 264 -2.69 11.39 16.94
C SER A 264 -1.22 11.78 17.04
N ASN A 265 -0.71 11.93 18.26
CA ASN A 265 0.69 12.30 18.48
CA ASN A 265 0.70 12.31 18.45
C ASN A 265 1.63 11.21 17.94
N ILE A 266 1.28 9.96 18.19
CA ILE A 266 2.12 8.86 17.72
C ILE A 266 2.06 8.74 16.19
N SER A 267 0.87 8.88 15.60
CA SER A 267 0.78 8.85 14.14
C SER A 267 1.62 9.96 13.51
N GLU A 268 1.63 11.15 14.12
CA GLU A 268 2.42 12.24 13.57
C GLU A 268 3.90 11.87 13.63
N LEU A 269 4.33 11.31 14.75
CA LEU A 269 5.72 10.90 14.89
C LEU A 269 6.06 9.80 13.87
N ILE A 270 5.18 8.82 13.69
CA ILE A 270 5.44 7.79 12.70
C ILE A 270 5.64 8.43 11.30
N SER A 271 4.87 9.45 10.98
CA SER A 271 4.99 10.14 9.70
CA SER A 271 5.01 10.12 9.69
C SER A 271 6.38 10.77 9.55
N GLN A 272 6.83 11.40 10.62
CA GLN A 272 8.15 12.02 10.65
C GLN A 272 9.27 10.98 10.53
N TYR A 273 9.15 9.89 11.28
CA TYR A 273 10.14 8.82 11.25
C TYR A 273 10.26 8.25 9.84
N LYS A 274 9.13 8.14 9.16
CA LYS A 274 9.15 7.66 7.78
C LYS A 274 9.83 8.68 6.88
N SER A 275 9.39 9.92 6.97
CA SER A 275 9.88 10.91 6.03
C SER A 275 11.37 11.22 6.24
N HIS A 276 11.87 11.07 7.46
CA HIS A 276 13.24 11.43 7.78
C HIS A 276 14.16 10.21 7.87
N GLY A 277 13.67 9.05 7.44
CA GLY A 277 14.52 7.89 7.19
C GLY A 277 14.70 6.91 8.35
N PHE A 278 14.11 7.19 9.49
CA PHE A 278 14.27 6.35 10.69
C PHE A 278 13.70 4.94 10.49
N MET A 279 12.54 4.84 9.86
CA MET A 279 11.94 3.53 9.64
C MET A 279 12.83 2.70 8.68
N ASP A 280 13.49 3.37 7.72
CA ASP A 280 14.44 2.66 6.85
C ASP A 280 15.66 2.16 7.63
N VAL A 281 16.13 2.97 8.56
CA VAL A 281 17.20 2.57 9.46
C VAL A 281 16.84 1.31 10.28
N LEU A 282 15.62 1.27 10.82
CA LEU A 282 15.21 0.10 11.58
C LEU A 282 15.09 -1.13 10.69
N HIS A 283 14.61 -0.93 9.46
CA HIS A 283 14.45 -2.05 8.56
C HIS A 283 15.81 -2.64 8.23
N ASP A 284 16.77 -1.78 7.92
CA ASP A 284 18.09 -2.27 7.55
C ASP A 284 18.78 -2.94 8.74
N LYS A 285 18.42 -2.51 9.95
CA LYS A 285 19.02 -3.08 11.15
C LYS A 285 18.52 -4.50 11.43
N TRP A 286 17.23 -4.71 11.23
CA TRP A 286 16.61 -5.98 11.60
C TRP A 286 16.46 -6.99 10.48
N TYR A 287 16.67 -6.55 9.25
CA TYR A 287 16.61 -7.46 8.08
C TYR A 287 17.98 -7.57 7.38
N LYS A 288 18.99 -8.01 8.12
CA LYS A 288 20.37 -8.06 7.60
C LYS A 288 20.54 -9.13 6.55
N VAL A 289 21.43 -8.88 5.61
CA VAL A 289 21.75 -9.87 4.59
C VAL A 289 22.96 -10.67 5.07
N VAL A 290 22.76 -11.97 5.22
CA VAL A 290 23.82 -12.85 5.69
C VAL A 290 24.04 -14.00 4.70
N PRO A 291 25.26 -14.14 4.20
CA PRO A 291 25.57 -15.16 3.18
C PRO A 291 25.08 -16.55 3.55
N CYS A 292 24.72 -17.37 2.56
CA CYS A 292 24.35 -18.76 2.80
C CYS A 292 25.50 -19.44 3.53
N LYS B 4 -11.14 -18.45 -14.95
CA LYS B 4 -10.45 -17.31 -14.33
C LYS B 4 -10.71 -16.02 -15.10
N LEU B 5 -11.14 -14.97 -14.39
CA LEU B 5 -11.59 -13.73 -15.01
C LEU B 5 -10.49 -13.15 -15.89
N HIS B 6 -10.87 -12.79 -17.12
CA HIS B 6 -9.95 -12.10 -18.01
C HIS B 6 -10.49 -10.73 -18.37
N LEU B 7 -9.67 -9.69 -18.19
CA LEU B 7 -10.08 -8.31 -18.47
C LEU B 7 -9.18 -7.69 -19.52
N ARG B 8 -9.76 -6.93 -20.45
CA ARG B 8 -8.93 -6.11 -21.30
C ARG B 8 -8.92 -4.72 -20.68
N VAL B 9 -7.74 -4.28 -20.29
CA VAL B 9 -7.56 -3.02 -19.58
C VAL B 9 -7.02 -1.95 -20.50
N VAL B 10 -7.63 -0.75 -20.44
CA VAL B 10 -7.18 0.36 -21.26
C VAL B 10 -6.47 1.32 -20.33
N THR B 11 -5.40 1.91 -20.82
CA THR B 11 -4.63 2.87 -20.04
C THR B 11 -4.29 4.11 -20.88
N LEU B 12 -3.59 5.06 -20.27
CA LEU B 12 -3.27 6.35 -20.84
C LEU B 12 -1.97 6.75 -20.16
N ILE B 13 -0.99 7.17 -20.95
CA ILE B 13 0.33 7.49 -20.45
C ILE B 13 0.31 8.84 -19.78
N GLU B 14 0.64 8.83 -18.51
CA GLU B 14 0.62 10.04 -17.69
C GLU B 14 1.58 9.80 -16.53
N HIS B 15 2.70 10.51 -16.55
CA HIS B 15 3.77 10.19 -15.59
C HIS B 15 3.46 10.78 -14.21
N PRO B 16 3.72 10.03 -13.11
CA PRO B 16 4.40 8.74 -13.00
C PRO B 16 3.44 7.56 -12.83
N PHE B 17 2.19 7.74 -13.19
CA PHE B 17 1.16 6.73 -13.05
C PHE B 17 1.32 5.66 -14.11
N VAL B 18 1.59 6.08 -15.35
CA VAL B 18 1.83 5.14 -16.44
C VAL B 18 2.87 5.71 -17.40
N PHE B 19 3.92 4.95 -17.62
CA PHE B 19 5.00 5.24 -18.56
C PHE B 19 5.05 4.10 -19.59
N THR B 20 5.71 4.34 -20.72
CA THR B 20 6.14 3.23 -21.55
C THR B 20 7.64 3.25 -21.83
N ARG B 21 8.18 2.05 -22.07
CA ARG B 21 9.53 1.91 -22.59
C ARG B 21 9.46 0.82 -23.66
N GLU B 22 10.52 0.68 -24.45
CA GLU B 22 10.54 -0.37 -25.47
C GLU B 22 10.71 -1.76 -24.86
N VAL B 23 10.24 -2.77 -25.59
CA VAL B 23 10.56 -4.15 -25.23
C VAL B 23 12.08 -4.38 -25.27
N ASP B 24 12.53 -5.38 -24.53
CA ASP B 24 13.95 -5.70 -24.46
C ASP B 24 14.37 -6.55 -25.64
N ASP B 25 15.64 -7.00 -25.63
CA ASP B 25 16.24 -7.68 -26.78
C ASP B 25 15.53 -8.97 -27.12
N GLU B 26 14.82 -9.53 -26.16
CA GLU B 26 14.11 -10.77 -26.35
C GLU B 26 12.61 -10.54 -26.46
N GLY B 27 12.19 -9.29 -26.62
CA GLY B 27 10.80 -8.95 -26.84
C GLY B 27 9.93 -8.88 -25.60
N LEU B 28 10.62 -8.87 -24.45
CA LEU B 28 9.95 -8.99 -23.17
C LEU B 28 9.97 -7.67 -22.41
N CYS B 29 9.28 -7.64 -21.27
CA CYS B 29 9.17 -6.42 -20.46
C CYS B 29 9.61 -6.62 -18.99
N PRO B 30 10.92 -6.68 -18.75
CA PRO B 30 11.41 -6.71 -17.36
C PRO B 30 10.90 -5.52 -16.57
N ALA B 31 10.33 -5.78 -15.40
CA ALA B 31 9.77 -4.74 -14.56
C ALA B 31 8.75 -3.86 -15.32
N GLY B 32 7.99 -4.50 -16.20
CA GLY B 32 6.92 -3.82 -16.91
C GLY B 32 5.83 -4.81 -17.28
N GLN B 33 4.81 -4.28 -17.94
CA GLN B 33 3.73 -5.09 -18.52
C GLN B 33 3.65 -4.85 -20.01
N LEU B 34 3.68 -5.94 -20.78
CA LEU B 34 3.51 -5.82 -22.21
C LEU B 34 2.17 -5.16 -22.51
N CYS B 35 2.20 -4.19 -23.41
CA CYS B 35 0.98 -3.48 -23.77
C CYS B 35 1.02 -3.16 -25.25
N LEU B 36 -0.14 -3.04 -25.86
CA LEU B 36 -0.23 -2.63 -27.25
C LEU B 36 -0.61 -1.17 -27.36
N ASP B 37 -0.09 -0.52 -28.40
CA ASP B 37 -0.35 0.88 -28.70
C ASP B 37 -0.75 0.96 -30.17
N PRO B 38 -1.95 0.45 -30.50
CA PRO B 38 -2.38 0.25 -31.89
C PRO B 38 -3.17 1.41 -32.46
N MET B 39 -3.44 2.44 -31.66
CA MET B 39 -4.17 3.63 -32.11
C MET B 39 -5.52 3.29 -32.75
N THR B 40 -6.33 2.57 -31.99
CA THR B 40 -7.65 2.19 -32.46
C THR B 40 -8.66 2.13 -31.31
N ASN B 41 -9.92 2.32 -31.68
CA ASN B 41 -11.01 2.09 -30.75
C ASN B 41 -11.90 0.96 -31.27
N ASP B 42 -11.39 0.21 -32.24
CA ASP B 42 -12.13 -0.90 -32.86
C ASP B 42 -11.92 -2.17 -32.04
N SER B 43 -12.95 -2.60 -31.33
CA SER B 43 -12.82 -3.75 -30.45
C SER B 43 -12.44 -5.03 -31.21
N SER B 44 -12.93 -5.18 -32.44
CA SER B 44 -12.61 -6.37 -33.22
CA SER B 44 -12.61 -6.37 -33.22
C SER B 44 -11.14 -6.38 -33.63
N MET B 45 -10.59 -5.21 -33.93
N MET B 45 -10.57 -5.21 -33.91
CA MET B 45 -9.17 -5.11 -34.22
CA MET B 45 -9.15 -5.12 -34.23
C MET B 45 -8.36 -5.57 -33.00
C MET B 45 -8.30 -5.50 -33.01
N LEU B 46 -8.72 -5.06 -31.83
CA LEU B 46 -8.01 -5.39 -30.60
C LEU B 46 -8.15 -6.89 -30.37
N ASP B 47 -9.33 -7.45 -30.60
CA ASP B 47 -9.48 -8.90 -30.50
C ASP B 47 -8.45 -9.63 -31.35
N ARG B 48 -8.32 -9.22 -32.62
CA ARG B 48 -7.41 -9.91 -33.54
C ARG B 48 -5.96 -9.74 -33.13
N LEU B 49 -5.57 -8.52 -32.74
CA LEU B 49 -4.22 -8.28 -32.29
C LEU B 49 -3.85 -9.12 -31.06
N PHE B 50 -4.69 -9.12 -30.02
CA PHE B 50 -4.35 -9.88 -28.81
C PHE B 50 -4.39 -11.39 -29.07
N SER B 51 -5.26 -11.85 -29.96
CA SER B 51 -5.29 -13.26 -30.32
CA SER B 51 -5.30 -13.26 -30.35
C SER B 51 -3.97 -13.64 -30.99
N SER B 52 -3.49 -12.76 -31.87
CA SER B 52 -2.25 -13.01 -32.57
C SER B 52 -1.08 -12.97 -31.58
N LEU B 53 -1.12 -11.98 -30.69
CA LEU B 53 -0.07 -11.80 -29.70
C LEU B 53 0.12 -13.06 -28.84
N HIS B 54 -0.99 -13.73 -28.56
CA HIS B 54 -0.96 -14.89 -27.67
C HIS B 54 -0.85 -16.22 -28.41
N SER B 55 -0.58 -16.16 -29.71
CA SER B 55 -0.57 -17.37 -30.55
C SER B 55 0.84 -17.84 -30.86
N SER B 56 0.92 -18.96 -31.56
CA SER B 56 2.21 -19.51 -31.98
C SER B 56 2.74 -18.80 -33.22
N ASN B 57 1.96 -17.86 -33.74
CA ASN B 57 2.39 -17.01 -34.84
C ASN B 57 2.00 -15.55 -34.62
N ASP B 58 2.82 -14.87 -33.84
CA ASP B 58 2.59 -13.51 -33.43
C ASP B 58 3.01 -12.62 -34.57
N THR B 59 2.03 -12.00 -35.23
CA THR B 59 2.29 -11.08 -36.34
C THR B 59 1.93 -9.62 -36.01
N VAL B 60 1.72 -9.31 -34.73
CA VAL B 60 1.43 -7.96 -34.30
C VAL B 60 2.58 -7.02 -34.73
N PRO B 61 2.25 -5.89 -35.38
CA PRO B 61 3.32 -4.96 -35.79
C PRO B 61 4.22 -4.58 -34.61
N ILE B 62 5.53 -4.67 -34.78
CA ILE B 62 6.41 -4.49 -33.64
C ILE B 62 6.30 -3.09 -33.06
N LYS B 63 6.00 -2.11 -33.91
CA LYS B 63 5.81 -0.74 -33.43
C LYS B 63 4.67 -0.63 -32.43
N PHE B 64 3.74 -1.59 -32.40
CA PHE B 64 2.61 -1.52 -31.47
C PHE B 64 2.99 -2.03 -30.08
N LYS B 65 4.08 -2.79 -29.99
CA LYS B 65 4.43 -3.39 -28.69
C LYS B 65 5.26 -2.46 -27.84
N LYS B 66 4.84 -2.32 -26.58
CA LYS B 66 5.49 -1.44 -25.64
C LYS B 66 5.46 -2.15 -24.29
N CYS B 67 6.21 -1.59 -23.33
CA CYS B 67 6.21 -2.04 -21.95
C CYS B 67 5.72 -0.89 -21.09
N CYS B 68 4.63 -1.14 -20.39
CA CYS B 68 4.01 -0.15 -19.51
C CYS B 68 4.51 -0.40 -18.10
N TYR B 69 4.72 0.68 -17.37
CA TYR B 69 5.16 0.56 -15.99
C TYR B 69 4.74 1.84 -15.27
N GLY B 70 4.79 1.82 -13.94
CA GLY B 70 4.48 3.00 -13.15
C GLY B 70 3.56 2.70 -11.97
N TYR B 71 3.16 3.75 -11.28
CA TYR B 71 2.36 3.63 -10.06
C TYR B 71 1.07 2.86 -10.31
N CYS B 72 0.37 3.18 -11.39
CA CYS B 72 -0.91 2.53 -11.69
C CYS B 72 -0.72 1.10 -12.19
N ILE B 73 0.40 0.82 -12.85
CA ILE B 73 0.67 -0.56 -13.26
C ILE B 73 0.95 -1.45 -12.03
N ASP B 74 1.69 -0.92 -11.05
CA ASP B 74 1.90 -1.65 -9.81
C ASP B 74 0.56 -1.90 -9.12
N LEU B 75 -0.30 -0.88 -9.11
CA LEU B 75 -1.62 -1.00 -8.50
C LEU B 75 -2.43 -2.11 -9.21
N LEU B 76 -2.42 -2.04 -10.53
CA LEU B 76 -3.11 -3.02 -11.38
C LEU B 76 -2.61 -4.42 -11.06
N GLU B 77 -1.31 -4.61 -10.93
CA GLU B 77 -0.76 -5.93 -10.65
C GLU B 77 -1.26 -6.47 -9.30
N GLN B 78 -1.32 -5.60 -8.29
CA GLN B 78 -1.79 -6.04 -6.98
C GLN B 78 -3.28 -6.37 -7.00
N LEU B 79 -4.08 -5.54 -7.67
CA LEU B 79 -5.51 -5.84 -7.80
C LEU B 79 -5.71 -7.16 -8.53
N ALA B 80 -4.95 -7.38 -9.61
CA ALA B 80 -5.06 -8.62 -10.39
C ALA B 80 -4.80 -9.86 -9.53
N GLU B 81 -3.81 -9.79 -8.65
CA GLU B 81 -3.50 -10.92 -7.80
C GLU B 81 -4.59 -11.09 -6.74
N ASP B 82 -4.97 -9.99 -6.10
CA ASP B 82 -5.96 -10.07 -5.02
C ASP B 82 -7.32 -10.58 -5.53
N MET B 83 -7.70 -10.14 -6.71
N MET B 83 -7.68 -10.07 -6.72
CA MET B 83 -9.00 -10.52 -7.24
CA MET B 83 -8.97 -10.36 -7.37
C MET B 83 -8.96 -11.70 -8.18
C MET B 83 -8.88 -11.48 -8.43
N ASN B 84 -7.76 -12.19 -8.45
CA ASN B 84 -7.55 -13.33 -9.36
C ASN B 84 -8.06 -13.13 -10.80
N PHE B 85 -7.62 -12.07 -11.44
CA PHE B 85 -7.86 -11.90 -12.86
C PHE B 85 -6.56 -11.74 -13.62
N ASP B 86 -6.55 -12.08 -14.91
CA ASP B 86 -5.42 -11.67 -15.72
C ASP B 86 -5.93 -10.68 -16.74
N PHE B 87 -5.02 -10.10 -17.50
CA PHE B 87 -5.44 -8.97 -18.33
C PHE B 87 -4.56 -8.82 -19.55
N ASP B 88 -5.17 -8.24 -20.59
CA ASP B 88 -4.47 -7.68 -21.71
C ASP B 88 -4.50 -6.17 -21.45
N LEU B 89 -3.48 -5.48 -21.93
CA LEU B 89 -3.34 -4.05 -21.68
C LEU B 89 -3.07 -3.30 -22.98
N TYR B 90 -3.83 -2.24 -23.22
CA TYR B 90 -3.61 -1.41 -24.41
C TYR B 90 -3.76 0.07 -24.06
N ILE B 91 -3.15 0.90 -24.89
CA ILE B 91 -3.16 2.33 -24.71
C ILE B 91 -4.28 2.94 -25.58
N VAL B 92 -5.10 3.77 -24.92
CA VAL B 92 -6.25 4.38 -25.56
C VAL B 92 -5.81 5.14 -26.82
N GLY B 93 -6.57 4.92 -27.89
CA GLY B 93 -6.17 5.37 -29.21
C GLY B 93 -6.05 6.87 -29.35
N ASP B 94 -6.99 7.59 -28.75
CA ASP B 94 -7.07 9.05 -28.94
C ASP B 94 -6.37 9.87 -27.85
N GLY B 95 -5.75 9.18 -26.90
CA GLY B 95 -4.98 9.81 -25.85
C GLY B 95 -5.81 10.62 -24.87
N LYS B 96 -7.12 10.39 -24.84
CA LYS B 96 -8.01 11.19 -24.02
C LYS B 96 -8.58 10.39 -22.87
N TYR B 97 -8.78 11.07 -21.75
CA TYR B 97 -9.50 10.46 -20.65
C TYR B 97 -10.98 10.27 -20.98
N GLY B 98 -11.58 11.23 -21.65
CA GLY B 98 -12.93 11.05 -22.19
C GLY B 98 -13.83 12.22 -21.90
N ALA B 99 -14.46 12.72 -22.94
CA ALA B 99 -15.47 13.77 -22.85
C ALA B 99 -16.52 13.57 -23.89
N TRP B 100 -17.63 14.28 -23.75
CA TRP B 100 -18.70 14.23 -24.75
C TRP B 100 -18.36 15.20 -25.88
N LYS B 101 -18.08 14.65 -27.07
CA LYS B 101 -17.75 15.46 -28.25
C LYS B 101 -18.39 14.86 -29.51
N ASN B 102 -19.03 15.71 -30.31
CA ASN B 102 -19.57 15.28 -31.59
C ASN B 102 -20.35 13.98 -31.51
N GLY B 103 -21.28 13.89 -30.54
CA GLY B 103 -22.23 12.80 -30.50
C GLY B 103 -21.76 11.50 -29.89
N HIS B 104 -20.65 11.52 -29.15
CA HIS B 104 -20.15 10.31 -28.52
C HIS B 104 -19.17 10.65 -27.41
N TRP B 105 -18.88 9.68 -26.57
CA TRP B 105 -17.81 9.84 -25.58
C TRP B 105 -16.49 9.41 -26.17
N THR B 106 -15.48 10.24 -25.97
CA THR B 106 -14.15 9.93 -26.45
C THR B 106 -13.36 9.14 -25.40
N GLY B 107 -12.15 8.74 -25.76
CA GLY B 107 -11.17 8.28 -24.78
C GLY B 107 -11.53 7.03 -24.01
N LEU B 108 -11.09 7.00 -22.77
CA LEU B 108 -11.27 5.85 -21.89
C LEU B 108 -12.74 5.63 -21.66
N VAL B 109 -13.48 6.72 -21.46
CA VAL B 109 -14.93 6.62 -21.28
C VAL B 109 -15.59 5.90 -22.45
N GLY B 110 -15.25 6.32 -23.66
CA GLY B 110 -15.83 5.72 -24.85
C GLY B 110 -15.49 4.23 -24.97
N ASP B 111 -14.27 3.86 -24.64
CA ASP B 111 -13.91 2.44 -24.74
C ASP B 111 -14.64 1.60 -23.70
N LEU B 112 -14.90 2.16 -22.53
CA LEU B 112 -15.67 1.45 -21.50
C LEU B 112 -17.14 1.32 -21.96
N LEU B 113 -17.70 2.37 -22.54
CA LEU B 113 -19.12 2.33 -22.91
C LEU B 113 -19.37 1.43 -24.12
N SER B 114 -18.39 1.29 -24.99
CA SER B 114 -18.56 0.45 -26.16
C SER B 114 -18.23 -1.02 -25.92
N GLY B 115 -17.68 -1.31 -24.75
CA GLY B 115 -17.23 -2.65 -24.39
C GLY B 115 -15.88 -2.99 -24.99
N THR B 116 -15.20 -2.00 -25.54
CA THR B 116 -13.88 -2.20 -26.13
C THR B 116 -12.83 -2.48 -25.03
N ALA B 117 -13.01 -1.89 -23.86
CA ALA B 117 -12.23 -2.21 -22.68
C ALA B 117 -13.18 -2.65 -21.59
N ASN B 118 -12.68 -3.46 -20.65
CA ASN B 118 -13.46 -3.87 -19.49
C ASN B 118 -13.16 -3.05 -18.25
N MET B 119 -12.03 -2.36 -18.25
CA MET B 119 -11.58 -1.58 -17.10
C MET B 119 -10.56 -0.56 -17.59
N ALA B 120 -10.53 0.59 -16.95
CA ALA B 120 -9.55 1.64 -17.27
C ALA B 120 -8.69 1.93 -16.06
N VAL B 121 -7.36 1.89 -16.24
CA VAL B 121 -6.41 2.07 -15.12
C VAL B 121 -5.34 3.08 -15.50
N THR B 122 -5.42 4.25 -14.89
CA THR B 122 -4.49 5.34 -15.09
C THR B 122 -4.88 6.42 -14.09
N SER B 123 -4.30 7.60 -14.23
CA SER B 123 -4.65 8.73 -13.35
C SER B 123 -5.97 9.38 -13.82
N PHE B 124 -7.06 8.64 -13.61
CA PHE B 124 -8.35 8.90 -14.26
C PHE B 124 -9.22 9.74 -13.32
N SER B 125 -9.33 11.03 -13.60
N SER B 125 -9.32 11.03 -13.63
CA SER B 125 -10.06 11.93 -12.72
CA SER B 125 -10.09 11.96 -12.81
C SER B 125 -11.56 11.67 -12.70
C SER B 125 -11.56 11.55 -12.72
N ILE B 126 -12.05 11.45 -11.49
CA ILE B 126 -13.46 11.27 -11.25
C ILE B 126 -14.17 12.61 -11.36
N ASN B 127 -15.26 12.67 -12.12
CA ASN B 127 -16.08 13.86 -12.13
C ASN B 127 -17.54 13.45 -12.34
N THR B 128 -18.42 14.43 -12.21
CA THR B 128 -19.84 14.18 -12.23
C THR B 128 -20.29 13.66 -13.58
N ALA B 129 -19.82 14.29 -14.65
CA ALA B 129 -20.25 13.93 -16.00
C ALA B 129 -19.90 12.48 -16.32
N ARG B 130 -18.67 12.09 -16.00
CA ARG B 130 -18.22 10.73 -16.25
C ARG B 130 -18.95 9.73 -15.35
N SER B 131 -19.13 10.08 -14.08
CA SER B 131 -19.76 9.21 -13.10
CA SER B 131 -19.75 9.17 -13.12
C SER B 131 -21.21 8.91 -13.48
N GLN B 132 -21.83 9.79 -14.27
CA GLN B 132 -23.20 9.57 -14.70
C GLN B 132 -23.31 8.46 -15.74
N VAL B 133 -22.20 8.14 -16.43
CA VAL B 133 -22.24 7.15 -17.52
C VAL B 133 -21.37 5.89 -17.31
N ILE B 134 -20.31 5.99 -16.50
CA ILE B 134 -19.47 4.84 -16.14
C ILE B 134 -19.32 4.75 -14.62
N ASP B 135 -18.84 3.62 -14.13
CA ASP B 135 -18.51 3.52 -12.69
C ASP B 135 -17.10 4.00 -12.44
N PHE B 136 -16.90 4.66 -11.31
CA PHE B 136 -15.58 4.78 -10.73
C PHE B 136 -15.55 4.11 -9.38
N THR B 137 -14.42 3.49 -9.07
CA THR B 137 -14.14 3.09 -7.72
C THR B 137 -13.94 4.31 -6.83
N SER B 138 -13.90 4.07 -5.53
CA SER B 138 -13.28 5.02 -4.61
C SER B 138 -11.92 5.44 -5.15
N PRO B 139 -11.51 6.69 -4.88
CA PRO B 139 -10.23 7.13 -5.44
C PRO B 139 -9.05 6.45 -4.77
N PHE B 140 -8.10 6.00 -5.57
CA PHE B 140 -6.89 5.42 -5.02
C PHE B 140 -5.86 6.50 -4.69
N PHE B 141 -6.08 7.70 -5.21
CA PHE B 141 -5.12 8.81 -5.06
C PHE B 141 -5.95 10.07 -5.07
N SER B 142 -5.66 10.99 -4.17
CA SER B 142 -6.33 12.27 -4.14
C SER B 142 -5.32 13.41 -4.28
N THR B 143 -5.68 14.41 -5.06
CA THR B 143 -4.81 15.54 -5.32
C THR B 143 -5.64 16.81 -5.40
N SER B 144 -4.99 17.91 -5.73
CA SER B 144 -5.63 19.20 -5.93
C SER B 144 -5.06 19.73 -7.24
N LEU B 145 -5.56 20.86 -7.69
CA LEU B 145 -4.91 21.53 -8.81
C LEU B 145 -3.84 22.46 -8.27
N GLY B 146 -2.84 22.68 -9.10
CA GLY B 146 -1.74 23.56 -8.75
C GLY B 146 -1.25 24.32 -10.00
N ILE B 147 -0.19 25.09 -9.80
CA ILE B 147 0.34 25.98 -10.82
C ILE B 147 1.86 25.86 -10.79
N LEU B 148 2.44 25.57 -11.94
CA LEU B 148 3.86 25.45 -12.12
C LEU B 148 4.42 26.68 -12.84
N VAL B 149 5.52 27.23 -12.32
CA VAL B 149 6.13 28.41 -12.92
C VAL B 149 7.63 28.29 -12.82
N ARG B 150 8.32 29.23 -13.46
CA ARG B 150 9.72 29.47 -13.14
C ARG B 150 9.89 30.22 -11.80
N THR B 151 10.76 29.67 -10.96
CA THR B 151 10.99 30.22 -9.64
C THR B 151 11.46 31.64 -9.77
N ARG B 152 12.27 31.86 -10.81
CA ARG B 152 12.85 33.17 -11.02
C ARG B 152 11.84 34.08 -11.63
N GLY B 153 11.39 35.05 -10.84
CA GLY B 153 10.61 36.15 -11.39
C GLY B 153 9.12 35.89 -11.50
N THR B 154 8.59 34.84 -10.85
CA THR B 154 7.15 34.61 -10.94
C THR B 154 6.53 34.27 -9.59
N GLU B 155 5.48 35.00 -9.24
CA GLU B 155 4.71 34.78 -8.01
C GLU B 155 3.24 34.63 -8.31
N LEU B 156 2.58 33.66 -7.68
CA LEU B 156 1.13 33.57 -7.77
C LEU B 156 0.57 33.13 -6.43
N SER B 157 -0.53 33.76 -6.02
CA SER B 157 -1.14 33.45 -4.72
C SER B 157 -1.99 32.17 -4.82
N GLY B 158 -2.36 31.80 -6.03
CA GLY B 158 -3.30 30.72 -6.28
C GLY B 158 -4.24 31.17 -7.40
N ILE B 159 -5.40 30.52 -7.48
CA ILE B 159 -6.27 30.72 -8.63
C ILE B 159 -6.93 32.10 -8.64
N HIS B 160 -6.92 32.80 -7.51
CA HIS B 160 -7.46 34.14 -7.45
C HIS B 160 -6.41 35.23 -7.66
N ASP B 161 -5.16 34.86 -7.98
CA ASP B 161 -4.16 35.90 -8.20
C ASP B 161 -4.59 36.86 -9.32
N PRO B 162 -4.49 38.16 -9.09
CA PRO B 162 -4.86 39.13 -10.12
C PRO B 162 -4.22 38.88 -11.49
N LYS B 163 -3.02 38.29 -11.53
CA LYS B 163 -2.37 38.06 -12.83
C LYS B 163 -3.13 37.09 -13.70
N LEU B 164 -4.00 36.29 -13.09
CA LEU B 164 -4.77 35.29 -13.83
C LEU B 164 -6.16 35.81 -14.22
N HIS B 165 -6.40 37.07 -13.89
CA HIS B 165 -7.69 37.71 -14.11
C HIS B 165 -7.56 39.08 -14.78
N HIS B 166 -6.45 39.32 -15.49
CA HIS B 166 -6.26 40.57 -16.23
C HIS B 166 -5.55 40.29 -17.56
N PRO B 167 -6.32 39.83 -18.55
CA PRO B 167 -5.85 39.44 -19.88
C PRO B 167 -4.98 40.52 -20.56
N SER B 168 -5.26 41.79 -20.31
CA SER B 168 -4.50 42.89 -20.90
C SER B 168 -3.03 42.82 -20.59
N GLN B 169 -2.69 42.26 -19.43
CA GLN B 169 -1.29 42.24 -18.99
C GLN B 169 -0.47 41.18 -19.72
N GLY B 170 -1.13 40.25 -20.40
CA GLY B 170 -0.42 39.33 -21.28
C GLY B 170 0.33 38.21 -20.57
N PHE B 171 -0.05 37.91 -19.34
CA PHE B 171 0.50 36.78 -18.59
C PHE B 171 0.01 35.51 -19.30
N ARG B 172 0.94 34.68 -19.74
CA ARG B 172 0.61 33.50 -20.55
C ARG B 172 0.46 32.28 -19.68
N PHE B 173 -0.74 31.74 -19.62
CA PHE B 173 -0.96 30.54 -18.82
C PHE B 173 -1.97 29.61 -19.49
N GLY B 174 -1.77 28.32 -19.24
CA GLY B 174 -2.50 27.27 -19.92
C GLY B 174 -2.55 26.01 -19.12
N THR B 175 -3.38 25.09 -19.58
CA THR B 175 -3.45 23.74 -19.02
C THR B 175 -3.42 22.76 -20.18
N VAL B 176 -3.41 21.47 -19.87
CA VAL B 176 -3.56 20.46 -20.90
C VAL B 176 -4.99 20.47 -21.42
N ARG B 177 -5.12 20.48 -22.74
CA ARG B 177 -6.45 20.47 -23.33
C ARG B 177 -7.25 19.28 -22.82
N GLU B 178 -8.48 19.59 -22.43
CA GLU B 178 -9.47 18.62 -21.94
C GLU B 178 -9.14 18.05 -20.54
N SER B 179 -8.23 18.71 -19.85
CA SER B 179 -7.81 18.28 -18.50
C SER B 179 -8.84 18.59 -17.42
N SER B 180 -8.61 18.06 -16.23
N SER B 180 -8.61 18.09 -16.22
CA SER B 180 -9.46 18.37 -15.08
CA SER B 180 -9.47 18.38 -15.08
C SER B 180 -9.45 19.87 -14.81
C SER B 180 -9.42 19.86 -14.73
N ALA B 181 -8.27 20.47 -14.95
CA ALA B 181 -8.10 21.87 -14.68
C ALA B 181 -8.94 22.64 -15.69
N GLU B 182 -8.95 22.21 -16.95
CA GLU B 182 -9.77 22.90 -17.92
C GLU B 182 -11.25 22.86 -17.51
N ASP B 183 -11.71 21.70 -17.04
CA ASP B 183 -13.10 21.56 -16.59
C ASP B 183 -13.42 22.48 -15.43
N TYR B 184 -12.51 22.55 -14.46
CA TYR B 184 -12.67 23.41 -13.29
C TYR B 184 -12.76 24.87 -13.68
N VAL B 185 -11.83 25.31 -14.54
CA VAL B 185 -11.79 26.70 -14.99
C VAL B 185 -13.04 27.04 -15.80
N ARG B 186 -13.46 26.15 -16.68
CA ARG B 186 -14.66 26.39 -17.47
C ARG B 186 -15.89 26.68 -16.61
N GLN B 187 -16.03 25.94 -15.53
CA GLN B 187 -17.18 26.04 -14.63
CA GLN B 187 -17.20 26.10 -14.68
C GLN B 187 -17.06 27.25 -13.72
N SER B 188 -15.87 27.45 -13.17
CA SER B 188 -15.68 28.42 -12.08
C SER B 188 -15.19 29.80 -12.50
N PHE B 189 -14.48 29.85 -13.62
CA PHE B 189 -13.88 31.08 -14.10
C PHE B 189 -14.02 31.18 -15.62
N PRO B 190 -15.25 31.34 -16.11
CA PRO B 190 -15.50 31.28 -17.55
C PRO B 190 -14.66 32.26 -18.37
N GLU B 191 -14.42 33.47 -17.87
CA GLU B 191 -13.58 34.42 -18.60
C GLU B 191 -12.13 33.93 -18.72
N MET B 192 -11.62 33.38 -17.63
CA MET B 192 -10.28 32.83 -17.59
C MET B 192 -10.20 31.66 -18.56
N HIS B 193 -11.24 30.84 -18.58
CA HIS B 193 -11.28 29.72 -19.51
C HIS B 193 -11.16 30.19 -20.95
N GLU B 194 -11.86 31.27 -21.30
CA GLU B 194 -11.81 31.78 -22.68
C GLU B 194 -10.39 32.31 -22.99
N TYR B 195 -9.81 33.02 -22.04
CA TYR B 195 -8.44 33.53 -22.22
C TYR B 195 -7.39 32.43 -22.42
N MET B 196 -7.52 31.31 -21.71
CA MET B 196 -6.56 30.21 -21.75
C MET B 196 -6.61 29.40 -23.04
N ARG B 197 -7.70 29.50 -23.79
CA ARG B 197 -7.92 28.59 -24.92
C ARG B 197 -6.72 28.43 -25.84
N ARG B 198 -6.15 29.53 -26.26
CA ARG B 198 -5.06 29.46 -27.22
C ARG B 198 -3.70 29.14 -26.59
N TYR B 199 -3.65 29.14 -25.25
CA TYR B 199 -2.40 28.82 -24.54
C TYR B 199 -2.34 27.40 -24.03
N ASN B 200 -3.43 26.65 -24.18
CA ASN B 200 -3.43 25.30 -23.64
C ASN B 200 -2.51 24.41 -24.47
N VAL B 201 -2.09 23.30 -23.88
CA VAL B 201 -1.04 22.47 -24.46
C VAL B 201 -1.51 21.03 -24.65
N PRO B 202 -0.79 20.26 -25.46
CA PRO B 202 -1.33 18.94 -25.79
C PRO B 202 -1.18 17.87 -24.71
N ALA B 203 -0.11 17.95 -23.92
CA ALA B 203 0.24 16.90 -22.97
C ALA B 203 1.04 17.50 -21.85
N THR B 204 0.99 16.87 -20.69
CA THR B 204 1.65 17.40 -19.55
C THR B 204 3.14 17.78 -19.72
N PRO B 205 3.98 16.87 -20.25
CA PRO B 205 5.38 17.28 -20.40
C PRO B 205 5.59 18.46 -21.34
N ASP B 206 4.66 18.69 -22.25
CA ASP B 206 4.74 19.84 -23.14
C ASP B 206 4.61 21.15 -22.36
N GLY B 207 3.79 21.15 -21.31
CA GLY B 207 3.66 22.34 -20.49
C GLY B 207 5.00 22.72 -19.90
N VAL B 208 5.77 21.70 -19.47
CA VAL B 208 7.10 21.95 -18.93
C VAL B 208 7.99 22.53 -20.00
N GLN B 209 7.92 21.97 -21.21
CA GLN B 209 8.72 22.51 -22.29
C GLN B 209 8.36 23.97 -22.57
N TYR B 210 7.07 24.29 -22.52
CA TYR B 210 6.64 25.64 -22.87
C TYR B 210 7.13 26.62 -21.80
N LEU B 211 7.32 26.15 -20.56
CA LEU B 211 7.83 27.00 -19.47
C LEU B 211 9.32 27.23 -19.51
N LYS B 212 10.05 26.16 -19.82
CA LYS B 212 11.48 26.09 -19.58
C LYS B 212 12.32 26.28 -20.82
N ASN B 213 11.82 25.83 -21.97
CA ASN B 213 12.61 25.83 -23.17
C ASN B 213 12.46 27.15 -23.90
N ASP B 214 13.55 27.54 -24.54
CA ASP B 214 13.72 28.85 -25.13
C ASP B 214 13.51 28.74 -26.63
N PRO B 215 12.63 29.58 -27.21
CA PRO B 215 11.84 30.65 -26.57
C PRO B 215 10.68 30.11 -25.75
N GLU B 216 10.45 30.70 -24.58
CA GLU B 216 9.35 30.30 -23.69
C GLU B 216 8.00 30.67 -24.26
N LYS B 217 7.03 29.77 -24.06
CA LYS B 217 5.67 29.95 -24.57
C LYS B 217 4.63 30.13 -23.48
N LEU B 218 4.97 29.82 -22.23
CA LEU B 218 4.09 30.02 -21.10
C LEU B 218 4.85 30.66 -19.94
N ASP B 219 4.08 31.36 -19.12
CA ASP B 219 4.53 31.87 -17.84
C ASP B 219 4.04 31.00 -16.67
N ALA B 220 2.93 30.29 -16.85
CA ALA B 220 2.43 29.39 -15.82
C ALA B 220 1.64 28.27 -16.47
N PHE B 221 1.68 27.12 -15.84
CA PHE B 221 1.04 25.92 -16.31
C PHE B 221 0.19 25.35 -15.16
N ILE B 222 -1.11 25.26 -15.40
CA ILE B 222 -2.06 24.82 -14.38
C ILE B 222 -2.40 23.37 -14.64
N MET B 223 -2.25 22.52 -13.63
CA MET B 223 -2.51 21.12 -13.78
C MET B 223 -2.59 20.43 -12.40
N ASP B 224 -3.04 19.19 -12.38
CA ASP B 224 -3.05 18.41 -11.15
C ASP B 224 -1.69 18.53 -10.44
N LYS B 225 -1.74 18.79 -9.14
CA LYS B 225 -0.53 18.93 -8.35
C LYS B 225 0.30 17.65 -8.37
N ALA B 226 -0.34 16.49 -8.38
CA ALA B 226 0.38 15.22 -8.42
C ALA B 226 1.30 15.17 -9.65
N LEU B 227 0.84 15.69 -10.78
CA LEU B 227 1.58 15.60 -12.00
C LEU B 227 2.67 16.68 -12.01
N LEU B 228 2.34 17.88 -11.55
CA LEU B 228 3.31 18.95 -11.47
C LEU B 228 4.45 18.59 -10.53
N ASP B 229 4.12 18.00 -9.38
CA ASP B 229 5.16 17.62 -8.42
C ASP B 229 6.14 16.60 -9.03
N TYR B 230 5.62 15.67 -9.84
CA TYR B 230 6.47 14.69 -10.50
C TYR B 230 7.43 15.43 -11.45
N GLU B 231 6.91 16.37 -12.22
CA GLU B 231 7.76 17.11 -13.16
C GLU B 231 8.83 17.92 -12.45
N VAL B 232 8.49 18.48 -11.29
CA VAL B 232 9.51 19.16 -10.50
C VAL B 232 10.56 18.15 -10.05
N SER B 233 10.12 16.97 -9.63
CA SER B 233 11.02 15.97 -9.07
C SER B 233 12.08 15.48 -10.08
N ILE B 234 11.76 15.59 -11.37
CA ILE B 234 12.69 15.14 -12.40
C ILE B 234 13.38 16.28 -13.16
N ASP B 235 13.13 17.51 -12.74
CA ASP B 235 13.73 18.67 -13.39
C ASP B 235 15.14 18.84 -12.85
N ALA B 236 16.12 18.29 -13.56
CA ALA B 236 17.51 18.41 -13.14
C ALA B 236 18.06 19.83 -13.37
N ASP B 237 17.31 20.69 -14.06
CA ASP B 237 17.73 22.09 -14.21
C ASP B 237 17.34 22.93 -13.00
N CYS B 238 16.48 22.37 -12.16
CA CYS B 238 16.01 23.02 -10.94
C CYS B 238 15.54 24.45 -11.19
N LYS B 239 14.70 24.61 -12.21
CA LYS B 239 14.16 25.91 -12.60
C LYS B 239 12.70 26.12 -12.25
N LEU B 240 11.99 25.02 -11.99
CA LEU B 240 10.53 25.10 -11.84
C LEU B 240 10.07 24.77 -10.44
N LEU B 241 8.97 25.38 -10.06
CA LEU B 241 8.36 25.12 -8.78
C LEU B 241 6.89 25.37 -8.85
N THR B 242 6.19 24.72 -7.95
CA THR B 242 4.76 24.93 -7.81
C THR B 242 4.53 26.13 -6.89
N VAL B 243 3.52 26.94 -7.23
CA VAL B 243 3.21 28.14 -6.48
C VAL B 243 1.72 28.23 -6.20
N GLY B 244 1.37 29.02 -5.21
CA GLY B 244 -0.02 29.33 -4.92
C GLY B 244 -0.67 28.34 -3.99
N LYS B 245 -1.78 28.76 -3.42
CA LYS B 245 -2.60 27.88 -2.58
C LYS B 245 -3.25 26.82 -3.45
N PRO B 246 -3.36 25.59 -2.92
CA PRO B 246 -4.08 24.55 -3.67
C PRO B 246 -5.52 24.93 -3.88
N PHE B 247 -6.07 24.44 -4.97
CA PHE B 247 -7.49 24.65 -5.24
C PHE B 247 -8.03 23.42 -5.93
N ALA B 248 -9.31 23.22 -5.69
CA ALA B 248 -10.07 22.12 -6.24
C ALA B 248 -9.62 20.80 -5.61
N ILE B 249 -10.46 19.80 -5.71
CA ILE B 249 -10.11 18.46 -5.25
C ILE B 249 -10.27 17.55 -6.42
N GLU B 250 -9.32 16.66 -6.60
CA GLU B 250 -9.36 15.75 -7.72
C GLU B 250 -9.06 14.40 -7.15
N GLY B 251 -9.76 13.38 -7.63
CA GLY B 251 -9.45 12.03 -7.18
C GLY B 251 -9.30 11.16 -8.40
N TYR B 252 -8.33 10.24 -8.36
CA TYR B 252 -8.14 9.29 -9.44
C TYR B 252 -8.78 7.99 -9.03
N GLY B 253 -9.62 7.44 -9.90
CA GLY B 253 -10.25 6.17 -9.63
C GLY B 253 -10.08 5.24 -10.81
N ILE B 254 -10.36 3.97 -10.56
CA ILE B 254 -10.40 2.97 -11.64
C ILE B 254 -11.77 3.03 -12.30
N GLY B 255 -11.78 3.04 -13.63
CA GLY B 255 -13.01 3.16 -14.39
C GLY B 255 -13.50 1.82 -14.86
N LEU B 256 -14.81 1.63 -14.75
CA LEU B 256 -15.48 0.39 -15.06
C LEU B 256 -16.78 0.73 -15.79
N PRO B 257 -17.36 -0.24 -16.50
CA PRO B 257 -18.68 -0.01 -17.12
C PRO B 257 -19.72 0.28 -16.04
N PRO B 258 -20.80 0.97 -16.38
CA PRO B 258 -21.84 1.32 -15.40
C PRO B 258 -22.41 0.08 -14.71
N ASN B 259 -22.58 0.15 -13.39
CA ASN B 259 -23.12 -0.97 -12.62
C ASN B 259 -22.30 -2.23 -12.71
N SER B 260 -20.98 -2.06 -12.75
CA SER B 260 -20.09 -3.20 -12.87
C SER B 260 -20.12 -3.96 -11.57
N PRO B 261 -20.16 -5.30 -11.65
CA PRO B 261 -20.09 -6.10 -10.43
C PRO B 261 -18.71 -6.04 -9.76
N LEU B 262 -17.71 -5.45 -10.42
CA LEU B 262 -16.36 -5.35 -9.85
C LEU B 262 -16.12 -4.12 -9.01
N THR B 263 -16.99 -3.13 -9.15
CA THR B 263 -16.68 -1.80 -8.61
C THR B 263 -16.53 -1.86 -7.09
N SER B 264 -17.47 -2.51 -6.41
CA SER B 264 -17.45 -2.52 -4.96
CA SER B 264 -17.47 -2.54 -4.96
C SER B 264 -16.24 -3.27 -4.43
N ASN B 265 -15.89 -4.39 -5.06
CA ASN B 265 -14.76 -5.19 -4.60
CA ASN B 265 -14.76 -5.20 -4.61
C ASN B 265 -13.45 -4.44 -4.79
N ILE B 266 -13.31 -3.74 -5.91
CA ILE B 266 -12.10 -2.95 -6.13
C ILE B 266 -12.03 -1.77 -5.17
N SER B 267 -13.15 -1.11 -4.94
CA SER B 267 -13.16 -0.01 -3.98
C SER B 267 -12.74 -0.48 -2.57
N GLU B 268 -13.21 -1.66 -2.20
CA GLU B 268 -12.87 -2.25 -0.90
C GLU B 268 -11.37 -2.51 -0.78
N LEU B 269 -10.77 -3.06 -1.82
CA LEU B 269 -9.34 -3.29 -1.85
C LEU B 269 -8.58 -1.98 -1.78
N ILE B 270 -9.01 -0.98 -2.55
CA ILE B 270 -8.36 0.34 -2.52
C ILE B 270 -8.38 0.93 -1.11
N SER B 271 -9.51 0.81 -0.42
N SER B 271 -9.53 0.83 -0.45
CA SER B 271 -9.60 1.38 0.93
CA SER B 271 -9.65 1.33 0.91
C SER B 271 -8.65 0.66 1.90
C SER B 271 -8.59 0.69 1.81
N GLN B 272 -8.46 -0.64 1.71
CA GLN B 272 -7.48 -1.37 2.51
C GLN B 272 -6.03 -1.00 2.13
N TYR B 273 -5.77 -0.86 0.83
CA TYR B 273 -4.45 -0.45 0.36
C TYR B 273 -4.08 0.92 0.93
N LYS B 274 -5.03 1.83 1.00
CA LYS B 274 -4.78 3.13 1.61
C LYS B 274 -4.50 3.00 3.10
N SER B 275 -5.42 2.36 3.84
N SER B 275 -5.43 2.37 3.82
CA SER B 275 -5.35 2.33 5.30
CA SER B 275 -5.37 2.28 5.28
C SER B 275 -4.22 1.46 5.83
C SER B 275 -4.11 1.58 5.74
N HIS B 276 -3.73 0.54 5.00
CA HIS B 276 -2.63 -0.34 5.40
C HIS B 276 -1.28 0.10 4.85
N GLY B 277 -1.24 1.23 4.14
CA GLY B 277 0.02 1.84 3.79
C GLY B 277 0.60 1.50 2.42
N PHE B 278 -0.09 0.67 1.64
CA PHE B 278 0.44 0.21 0.37
C PHE B 278 0.44 1.37 -0.66
N MET B 279 -0.57 2.24 -0.60
CA MET B 279 -0.58 3.34 -1.58
C MET B 279 0.59 4.25 -1.28
N ASP B 280 0.95 4.36 -0.01
CA ASP B 280 2.12 5.16 0.36
C ASP B 280 3.43 4.51 -0.11
N VAL B 281 3.49 3.16 -0.09
CA VAL B 281 4.64 2.47 -0.64
C VAL B 281 4.83 2.83 -2.12
N LEU B 282 3.71 2.84 -2.86
CA LEU B 282 3.74 3.15 -4.29
C LEU B 282 4.15 4.60 -4.52
N HIS B 283 3.65 5.50 -3.67
CA HIS B 283 4.02 6.90 -3.81
C HIS B 283 5.54 7.04 -3.64
N ASP B 284 6.10 6.42 -2.59
CA ASP B 284 7.53 6.54 -2.35
C ASP B 284 8.38 5.94 -3.45
N LYS B 285 7.87 4.89 -4.09
CA LYS B 285 8.59 4.23 -5.15
C LYS B 285 8.70 5.12 -6.39
N TRP B 286 7.62 5.82 -6.69
CA TRP B 286 7.51 6.53 -7.98
C TRP B 286 7.78 8.04 -7.94
N TYR B 287 7.85 8.60 -6.74
CA TYR B 287 8.19 9.99 -6.54
C TYR B 287 9.55 10.10 -5.82
N LYS B 288 10.60 10.34 -6.60
CA LYS B 288 11.96 10.53 -6.06
C LYS B 288 12.60 11.74 -6.72
N VAL B 289 13.09 12.67 -5.92
CA VAL B 289 13.66 13.92 -6.46
C VAL B 289 15.10 13.70 -6.94
N VAL B 290 15.36 14.09 -8.18
CA VAL B 290 16.70 13.99 -8.73
C VAL B 290 17.61 15.11 -8.28
N PRO B 291 18.92 14.85 -8.20
CA PRO B 291 19.86 15.92 -7.92
C PRO B 291 19.81 16.95 -9.03
N CYS B 292 20.18 18.18 -8.72
CA CYS B 292 20.38 19.19 -9.74
C CYS B 292 21.56 18.79 -10.58
N GLY B 293 21.50 19.12 -11.87
CA GLY B 293 22.60 18.91 -12.77
C GLY B 293 23.91 19.42 -12.23
N LYS B 294 24.99 18.77 -12.61
CA LYS B 294 26.30 19.15 -12.11
C LYS B 294 26.64 20.58 -12.49
#